data_1F6O
#
_entry.id   1F6O
#
_cell.length_a   43.75
_cell.length_b   57.10
_cell.length_c   128.45
_cell.angle_alpha   90
_cell.angle_beta   90
_cell.angle_gamma   90
#
_symmetry.space_group_name_H-M   'P 21 21 21'
#
loop_
_entity.id
_entity.type
_entity.pdbx_description
1 polymer "DNA (5'-D(*GP*AP*CP*AP*TP*GP*(YRR)P*TP*TP*GP*CP*CP*T)-3')"
2 polymer "DNA (5'-D(*GP*GP*CP*AP*AP*TP*CP*AP*TP*GP*TP*CP*A)-3')"
3 polymer '3-METHYL-ADENINE DNA GLYCOSYLASE'
4 non-polymer 'SODIUM ION'
5 water water
#
loop_
_entity_poly.entity_id
_entity_poly.type
_entity_poly.pdbx_seq_one_letter_code
_entity_poly.pdbx_strand_id
1 'polydeoxyribonucleotide' (DG)(DA)(DC)(DA)(DT)(DG)(YRR)(DT)(DT)(DG)(DC)(DC)(DT) D
2 'polydeoxyribonucleotide' (DG)(DG)(DC)(DA)(DA)(DT)(DC)(DA)(DT)(DG)(DT)(DC)(DA) E
3 'polypeptide(L)'
;KGHLTRLGLEFFDQPAVPLARAFLGQVLVRRLPNGTELRGRIVETEAYLGPEDEAAHSRGGRQTPRNRGMFMKPGTLYVY
IIYGMYFCMNISSQGDGACVLLRALEPLEGLETMRQLRSTLRKGTASRVLKDRELCSGPSKLCQALAINKSFDQRDLAQD
EAVWLERGPLEPSEPAVVAAARVGVGHAGEWARKPLRFYVRGSPWVSVVDRVAEQDTQA
;
A
#
# COMPACT_ATOMS: atom_id res chain seq x y z
N LYS C 1 9.66 -16.75 -6.84
CA LYS C 1 10.16 -15.38 -6.56
C LYS C 1 11.09 -14.91 -7.70
N GLY C 2 11.38 -13.62 -7.72
CA GLY C 2 12.27 -13.10 -8.75
C GLY C 2 11.71 -11.89 -9.48
N HIS C 3 12.59 -10.95 -9.81
CA HIS C 3 12.22 -9.74 -10.52
C HIS C 3 11.53 -10.12 -11.84
N LEU C 4 12.11 -11.08 -12.53
CA LEU C 4 11.55 -11.57 -13.79
C LEU C 4 10.08 -11.93 -13.61
N THR C 5 9.72 -12.42 -12.43
CA THR C 5 8.35 -12.85 -12.13
C THR C 5 7.44 -11.78 -11.54
N ARG C 6 7.87 -10.53 -11.60
CA ARG C 6 7.07 -9.42 -11.06
C ARG C 6 5.77 -9.26 -11.84
N LEU C 7 4.74 -8.76 -11.18
CA LEU C 7 3.47 -8.54 -11.86
C LEU C 7 3.69 -7.43 -12.88
N GLY C 8 3.12 -7.59 -14.07
CA GLY C 8 3.27 -6.61 -15.13
C GLY C 8 2.22 -5.52 -15.12
N LEU C 9 2.24 -4.64 -16.12
CA LEU C 9 1.28 -3.54 -16.16
C LEU C 9 -0.16 -3.94 -16.42
N GLU C 10 -0.40 -5.13 -16.96
CA GLU C 10 -1.77 -5.58 -17.21
C GLU C 10 -2.44 -5.93 -15.89
N PHE C 11 -1.63 -5.98 -14.86
CA PHE C 11 -2.15 -6.31 -13.54
C PHE C 11 -2.65 -5.04 -12.85
N PHE C 12 -1.89 -3.95 -13.00
CA PHE C 12 -2.22 -2.68 -12.36
C PHE C 12 -3.34 -1.91 -13.04
N ASP C 13 -3.60 -2.27 -14.30
CA ASP C 13 -4.64 -1.60 -15.07
C ASP C 13 -6.02 -2.12 -14.68
N GLN C 14 -6.49 -1.70 -13.51
CA GLN C 14 -7.80 -2.12 -13.01
C GLN C 14 -8.33 -0.99 -12.13
N PRO C 15 -9.65 -0.89 -12.01
CA PRO C 15 -10.22 0.17 -11.16
C PRO C 15 -9.76 0.01 -9.71
N ALA C 16 -9.66 1.14 -9.02
CA ALA C 16 -9.19 1.18 -7.63
C ALA C 16 -9.67 0.10 -6.67
N VAL C 17 -10.98 -0.14 -6.62
CA VAL C 17 -11.49 -1.15 -5.69
C VAL C 17 -10.99 -2.55 -6.01
N PRO C 18 -11.20 -3.02 -7.25
CA PRO C 18 -10.74 -4.36 -7.62
C PRO C 18 -9.22 -4.48 -7.44
N LEU C 19 -8.51 -3.42 -7.80
CA LEU C 19 -7.05 -3.39 -7.68
C LEU C 19 -6.65 -3.52 -6.21
N ALA C 20 -7.26 -2.69 -5.37
CA ALA C 20 -6.98 -2.69 -3.95
C ALA C 20 -7.20 -4.06 -3.31
N ARG C 21 -8.21 -4.79 -3.78
CA ARG C 21 -8.50 -6.11 -3.23
C ARG C 21 -7.55 -7.15 -3.80
N ALA C 22 -7.21 -6.98 -5.08
CA ALA C 22 -6.31 -7.89 -5.76
C ALA C 22 -4.89 -7.78 -5.19
N PHE C 23 -4.61 -6.65 -4.56
CA PHE C 23 -3.30 -6.44 -3.94
C PHE C 23 -3.11 -7.33 -2.72
N LEU C 24 -4.22 -7.62 -2.04
CA LEU C 24 -4.16 -8.45 -0.85
C LEU C 24 -3.57 -9.79 -1.17
N GLY C 25 -2.56 -10.19 -0.41
CA GLY C 25 -1.93 -11.47 -0.68
C GLY C 25 -0.71 -11.39 -1.56
N GLN C 26 -0.55 -10.30 -2.31
CA GLN C 26 0.62 -10.17 -3.16
C GLN C 26 1.83 -9.81 -2.28
N VAL C 27 3.03 -9.90 -2.85
CA VAL C 27 4.22 -9.60 -2.08
C VAL C 27 5.02 -8.41 -2.61
N LEU C 28 5.21 -7.41 -1.76
CA LEU C 28 5.97 -6.22 -2.14
C LEU C 28 7.43 -6.55 -1.88
N VAL C 29 8.26 -6.37 -2.91
CA VAL C 29 9.68 -6.66 -2.79
C VAL C 29 10.49 -5.38 -2.96
N ARG C 30 11.52 -5.24 -2.13
CA ARG C 30 12.38 -4.07 -2.17
C ARG C 30 13.83 -4.53 -2.20
N ARG C 31 14.56 -4.13 -3.24
CA ARG C 31 15.96 -4.50 -3.35
C ARG C 31 16.81 -3.35 -2.85
N LEU C 32 17.58 -3.61 -1.80
CA LEU C 32 18.44 -2.60 -1.22
C LEU C 32 19.75 -2.43 -1.99
N PRO C 33 20.46 -1.33 -1.74
CA PRO C 33 21.73 -1.09 -2.42
C PRO C 33 22.74 -2.22 -2.17
N ASN C 34 22.64 -2.89 -1.03
CA ASN C 34 23.56 -3.98 -0.73
C ASN C 34 23.09 -5.29 -1.37
N GLY C 35 22.06 -5.21 -2.20
CA GLY C 35 21.55 -6.40 -2.86
C GLY C 35 20.54 -7.20 -2.06
N THR C 36 20.42 -6.92 -0.77
CA THR C 36 19.47 -7.63 0.09
C THR C 36 18.06 -7.31 -0.37
N GLU C 37 17.14 -8.26 -0.24
CA GLU C 37 15.76 -8.03 -0.64
C GLU C 37 14.83 -8.10 0.56
N LEU C 38 13.92 -7.14 0.64
CA LEU C 38 12.94 -7.10 1.71
C LEU C 38 11.58 -7.50 1.11
N ARG C 39 10.86 -8.37 1.79
CA ARG C 39 9.57 -8.82 1.29
C ARG C 39 8.48 -8.70 2.36
N GLY C 40 7.31 -8.24 1.93
CA GLY C 40 6.21 -8.11 2.84
C GLY C 40 4.93 -8.45 2.11
N ARG C 41 4.10 -9.29 2.72
CA ARG C 41 2.84 -9.64 2.09
C ARG C 41 1.81 -8.55 2.44
N ILE C 42 1.17 -8.01 1.42
CA ILE C 42 0.19 -6.96 1.63
C ILE C 42 -1.07 -7.48 2.33
N VAL C 43 -1.40 -6.89 3.48
CA VAL C 43 -2.58 -7.30 4.23
C VAL C 43 -3.64 -6.21 4.37
N GLU C 44 -3.28 -4.97 4.10
CA GLU C 44 -4.24 -3.87 4.24
C GLU C 44 -4.13 -2.86 3.10
N THR C 45 -5.24 -2.51 2.48
CA THR C 45 -5.21 -1.56 1.37
C THR C 45 -6.40 -0.63 1.41
N GLU C 46 -6.31 0.46 0.66
CA GLU C 46 -7.38 1.44 0.58
C GLU C 46 -7.53 1.94 -0.84
N ALA C 47 -8.77 2.05 -1.30
CA ALA C 47 -9.02 2.53 -2.65
C ALA C 47 -9.38 4.02 -2.61
N TYR C 48 -8.88 4.77 -3.58
CA TYR C 48 -9.17 6.19 -3.70
C TYR C 48 -9.66 6.38 -5.11
N LEU C 49 -10.98 6.53 -5.23
CA LEU C 49 -11.66 6.66 -6.51
C LEU C 49 -11.31 7.84 -7.38
N GLY C 50 -10.67 8.86 -6.81
CA GLY C 50 -10.29 9.99 -7.62
C GLY C 50 -11.24 11.16 -7.58
N PRO C 51 -11.53 11.76 -8.75
CA PRO C 51 -12.43 12.91 -8.90
C PRO C 51 -13.57 12.95 -7.88
N GLU C 52 -14.38 11.91 -7.90
CA GLU C 52 -15.52 11.76 -7.02
C GLU C 52 -15.15 11.66 -5.54
N ASP C 53 -14.24 10.75 -5.22
CA ASP C 53 -13.79 10.53 -3.84
C ASP C 53 -13.32 11.81 -3.16
N GLU C 54 -14.04 12.25 -2.13
CA GLU C 54 -13.66 13.48 -1.44
C GLU C 54 -12.50 13.27 -0.47
N ALA C 55 -12.05 12.03 -0.36
CA ALA C 55 -10.94 11.72 0.53
C ALA C 55 -9.65 11.77 -0.27
N ALA C 56 -9.78 11.59 -1.58
CA ALA C 56 -8.64 11.58 -2.49
C ALA C 56 -8.04 12.94 -2.81
N HIS C 57 -6.71 12.99 -2.87
CA HIS C 57 -6.00 14.23 -3.17
C HIS C 57 -6.46 14.76 -4.52
N SER C 58 -7.14 13.91 -5.29
CA SER C 58 -7.60 14.30 -6.61
C SER C 58 -9.08 14.72 -6.68
N ARG C 59 -9.67 15.03 -5.53
CA ARG C 59 -11.07 15.46 -5.54
C ARG C 59 -11.19 16.67 -6.44
N GLY C 60 -12.27 16.72 -7.21
CA GLY C 60 -12.47 17.83 -8.11
C GLY C 60 -11.57 17.74 -9.33
N GLY C 61 -10.95 16.58 -9.53
CA GLY C 61 -10.07 16.40 -10.66
C GLY C 61 -8.85 17.29 -10.56
N ARG C 62 -8.64 17.84 -9.38
CA ARG C 62 -7.53 18.73 -9.12
C ARG C 62 -6.18 18.02 -9.22
N GLN C 63 -5.41 18.33 -10.25
CA GLN C 63 -4.10 17.72 -10.39
C GLN C 63 -3.08 18.76 -9.97
N THR C 64 -2.25 18.39 -9.00
CA THR C 64 -1.24 19.29 -8.48
C THR C 64 0.14 18.66 -8.71
N PRO C 65 1.20 19.45 -8.52
CA PRO C 65 2.56 18.90 -8.71
C PRO C 65 2.84 17.68 -7.85
N ARG C 66 2.16 17.61 -6.71
CA ARG C 66 2.33 16.50 -5.78
C ARG C 66 1.69 15.19 -6.21
N ASN C 67 0.45 15.27 -6.67
CA ASN C 67 -0.30 14.08 -7.06
C ASN C 67 -0.24 13.58 -8.50
N ARG C 68 0.69 14.07 -9.30
CA ARG C 68 0.79 13.63 -10.70
C ARG C 68 0.71 12.11 -10.86
N GLY C 69 1.39 11.38 -9.98
CA GLY C 69 1.40 9.93 -10.04
C GLY C 69 0.02 9.34 -10.19
N MET C 70 -0.94 9.92 -9.49
CA MET C 70 -2.32 9.44 -9.56
C MET C 70 -2.89 9.56 -10.97
N PHE C 71 -2.38 10.51 -11.74
CA PHE C 71 -2.88 10.73 -13.09
C PHE C 71 -2.00 10.08 -14.15
N MET C 72 -1.06 9.26 -13.69
CA MET C 72 -0.15 8.56 -14.60
C MET C 72 -0.65 7.15 -14.83
N LYS C 73 -0.02 6.43 -15.76
CA LYS C 73 -0.45 5.07 -16.08
C LYS C 73 -0.50 4.14 -14.87
N PRO C 74 -1.49 3.25 -14.84
CA PRO C 74 -1.62 2.30 -13.72
C PRO C 74 -0.30 1.62 -13.40
N GLY C 75 0.01 1.47 -12.11
CA GLY C 75 1.25 0.86 -11.71
C GLY C 75 2.24 1.95 -11.30
N THR C 76 1.90 3.20 -11.60
CA THR C 76 2.78 4.30 -11.26
C THR C 76 2.72 4.59 -9.76
N LEU C 77 3.88 4.70 -9.13
CA LEU C 77 3.92 4.96 -7.70
C LEU C 77 3.63 6.41 -7.40
N TYR C 78 3.00 6.63 -6.26
CA TYR C 78 2.72 7.98 -5.80
C TYR C 78 3.04 7.94 -4.33
N VAL C 79 4.19 8.51 -3.96
CA VAL C 79 4.61 8.54 -2.56
C VAL C 79 4.60 10.00 -2.14
N TYR C 80 3.85 10.32 -1.10
CA TYR C 80 3.80 11.71 -0.64
C TYR C 80 4.15 11.79 0.83
N ILE C 81 4.52 12.99 1.28
CA ILE C 81 4.89 13.21 2.68
C ILE C 81 3.67 13.71 3.45
N ILE C 82 3.43 13.12 4.60
CA ILE C 82 2.29 13.52 5.44
C ILE C 82 2.82 13.93 6.81
N TYR C 83 2.18 14.93 7.41
CA TYR C 83 2.57 15.45 8.72
C TYR C 83 4.03 15.88 8.71
N GLY C 84 4.51 16.23 7.52
CA GLY C 84 5.89 16.66 7.36
C GLY C 84 6.95 15.71 7.88
N MET C 85 6.65 14.42 7.96
CA MET C 85 7.65 13.47 8.45
C MET C 85 7.41 11.99 8.10
N TYR C 86 6.26 11.69 7.50
CA TYR C 86 5.97 10.31 7.14
C TYR C 86 5.66 10.14 5.66
N PHE C 87 5.86 8.93 5.16
CA PHE C 87 5.57 8.68 3.75
C PHE C 87 4.37 7.75 3.56
N CYS C 88 3.67 7.94 2.45
CA CYS C 88 2.54 7.10 2.14
C CYS C 88 2.73 6.58 0.72
N MET C 89 2.74 5.25 0.60
CA MET C 89 2.94 4.63 -0.70
C MET C 89 1.63 4.27 -1.37
N ASN C 90 1.42 4.84 -2.54
CA ASN C 90 0.22 4.58 -3.32
C ASN C 90 0.61 4.05 -4.71
N ILE C 91 -0.27 3.27 -5.32
CA ILE C 91 -0.03 2.76 -6.65
C ILE C 91 -1.23 3.24 -7.48
N SER C 92 -0.93 3.95 -8.55
CA SER C 92 -1.96 4.45 -9.44
C SER C 92 -2.74 3.28 -10.00
N SER C 93 -4.06 3.40 -10.05
CA SER C 93 -4.89 2.33 -10.60
C SER C 93 -5.49 2.87 -11.88
N GLN C 94 -6.39 2.10 -12.50
CA GLN C 94 -7.06 2.56 -13.71
C GLN C 94 -7.85 3.80 -13.29
N GLY C 95 -7.99 4.77 -14.20
CA GLY C 95 -8.74 5.96 -13.87
C GLY C 95 -7.89 7.12 -13.37
N ASP C 96 -7.77 8.16 -14.18
CA ASP C 96 -6.98 9.33 -13.82
C ASP C 96 -7.49 9.94 -12.53
N GLY C 97 -6.70 9.83 -11.47
CA GLY C 97 -7.10 10.37 -10.20
C GLY C 97 -7.30 9.26 -9.19
N ALA C 98 -7.40 8.03 -9.68
CA ALA C 98 -7.60 6.87 -8.80
C ALA C 98 -6.30 6.13 -8.48
N CYS C 99 -6.24 5.55 -7.29
CA CYS C 99 -5.05 4.82 -6.87
C CYS C 99 -5.34 3.99 -5.63
N VAL C 100 -4.36 3.18 -5.23
CA VAL C 100 -4.49 2.31 -4.08
C VAL C 100 -3.41 2.64 -3.08
N LEU C 101 -3.78 2.60 -1.80
CA LEU C 101 -2.86 2.90 -0.73
C LEU C 101 -2.51 1.64 0.05
N LEU C 102 -1.22 1.43 0.32
CA LEU C 102 -0.78 0.28 1.09
C LEU C 102 -0.75 0.76 2.54
N ARG C 103 -1.42 0.02 3.43
CA ARG C 103 -1.46 0.40 4.84
C ARG C 103 -0.74 -0.59 5.74
N ALA C 104 -0.61 -1.85 5.32
CA ALA C 104 0.08 -2.81 6.17
C ALA C 104 0.63 -4.03 5.45
N LEU C 105 1.79 -4.47 5.89
CA LEU C 105 2.43 -5.62 5.29
C LEU C 105 2.73 -6.65 6.37
N GLU C 106 2.77 -7.91 5.96
CA GLU C 106 3.13 -9.00 6.84
C GLU C 106 4.61 -9.24 6.52
N PRO C 107 5.52 -8.90 7.43
CA PRO C 107 6.96 -9.09 7.21
C PRO C 107 7.31 -10.53 6.89
N LEU C 108 7.90 -10.76 5.72
CA LEU C 108 8.27 -12.12 5.32
C LEU C 108 9.79 -12.35 5.23
N GLU C 109 10.54 -11.34 4.79
CA GLU C 109 11.99 -11.47 4.65
C GLU C 109 12.73 -10.15 4.83
N GLY C 110 13.76 -10.16 5.66
CA GLY C 110 14.53 -8.95 5.91
C GLY C 110 14.08 -8.26 7.18
N LEU C 111 13.39 -9.01 8.03
CA LEU C 111 12.86 -8.51 9.29
C LEU C 111 13.88 -7.70 10.08
N GLU C 112 15.11 -8.21 10.20
CA GLU C 112 16.12 -7.50 10.96
C GLU C 112 16.46 -6.17 10.34
N THR C 113 16.62 -6.14 9.02
CA THR C 113 16.92 -4.89 8.37
C THR C 113 15.77 -3.90 8.54
N MET C 114 14.53 -4.42 8.55
CA MET C 114 13.35 -3.60 8.72
C MET C 114 13.35 -3.04 10.14
N ARG C 115 13.65 -3.91 11.09
CA ARG C 115 13.70 -3.53 12.49
C ARG C 115 14.75 -2.43 12.62
N GLN C 116 15.88 -2.67 11.99
CA GLN C 116 16.99 -1.72 12.00
C GLN C 116 16.51 -0.40 11.43
N LEU C 117 15.90 -0.44 10.24
CA LEU C 117 15.39 0.76 9.59
C LEU C 117 14.38 1.50 10.46
N ARG C 118 13.39 0.76 11.00
CA ARG C 118 12.36 1.34 11.84
C ARG C 118 12.88 1.87 13.18
N SER C 119 13.85 1.17 13.78
CA SER C 119 14.41 1.60 15.07
C SER C 119 15.27 2.84 14.94
N THR C 120 16.12 2.87 13.92
CA THR C 120 17.01 4.00 13.69
C THR C 120 16.19 5.25 13.35
N LEU C 121 15.01 5.05 12.78
CA LEU C 121 14.14 6.17 12.43
C LEU C 121 13.10 6.41 13.53
N SER C 127 14.91 3.91 24.47
CA SER C 127 15.02 2.82 23.45
C SER C 127 13.73 1.99 23.36
N ARG C 128 13.87 0.69 23.61
CA ARG C 128 12.77 -0.31 23.58
C ARG C 128 12.72 -0.99 22.22
N VAL C 129 13.07 -2.28 22.20
CA VAL C 129 13.10 -3.09 20.98
C VAL C 129 11.77 -3.29 20.28
N LEU C 130 11.81 -3.20 18.95
CA LEU C 130 10.63 -3.35 18.13
C LEU C 130 10.27 -4.79 17.84
N LYS C 131 8.99 -5.12 18.01
CA LYS C 131 8.50 -6.45 17.75
C LYS C 131 8.07 -6.46 16.29
N ASP C 132 8.01 -7.64 15.68
CA ASP C 132 7.63 -7.75 14.28
C ASP C 132 6.29 -7.08 13.94
N ARG C 133 5.33 -7.16 14.86
CA ARG C 133 4.01 -6.58 14.67
C ARG C 133 4.14 -5.08 14.43
N GLU C 134 5.29 -4.52 14.83
CA GLU C 134 5.53 -3.09 14.70
C GLU C 134 6.32 -2.68 13.47
N LEU C 135 6.74 -3.65 12.66
CA LEU C 135 7.52 -3.31 11.48
C LEU C 135 6.78 -2.63 10.35
N CYS C 136 5.71 -3.28 9.85
CA CYS C 136 4.96 -2.74 8.72
C CYS C 136 3.47 -2.53 8.95
N SER C 137 3.05 -2.59 10.21
CA SER C 137 1.65 -2.43 10.57
C SER C 137 1.24 -0.95 10.48
N GLY C 138 1.41 -0.37 9.31
CA GLY C 138 1.03 1.03 9.12
C GLY C 138 1.52 1.58 7.79
N PRO C 139 0.75 2.47 7.16
CA PRO C 139 1.17 3.05 5.87
C PRO C 139 2.57 3.69 5.94
N SER C 140 2.85 4.39 7.03
CA SER C 140 4.14 5.03 7.18
C SER C 140 5.17 4.09 7.81
N LYS C 141 4.72 3.12 8.60
CA LYS C 141 5.66 2.18 9.20
C LYS C 141 6.29 1.36 8.08
N LEU C 142 5.45 0.78 7.23
CA LEU C 142 5.97 -0.02 6.13
C LEU C 142 6.91 0.78 5.22
N CYS C 143 6.64 2.06 5.00
CA CYS C 143 7.52 2.87 4.15
C CYS C 143 8.90 2.98 4.80
N GLN C 144 8.95 3.15 6.12
CA GLN C 144 10.24 3.24 6.80
C GLN C 144 10.94 1.87 6.80
N ALA C 145 10.17 0.82 7.06
CA ALA C 145 10.71 -0.53 7.11
C ALA C 145 11.29 -0.98 5.78
N LEU C 146 10.70 -0.53 4.68
CA LEU C 146 11.21 -0.92 3.37
C LEU C 146 12.04 0.17 2.69
N ALA C 147 12.41 1.19 3.45
CA ALA C 147 13.20 2.29 2.91
C ALA C 147 12.56 2.87 1.65
N ILE C 148 11.28 3.20 1.74
CA ILE C 148 10.55 3.78 0.62
C ILE C 148 10.42 5.25 0.94
N ASN C 149 10.60 6.11 -0.05
CA ASN C 149 10.49 7.54 0.20
C ASN C 149 10.14 8.30 -1.05
N LYS C 150 10.11 9.61 -0.95
CA LYS C 150 9.79 10.49 -2.07
C LYS C 150 10.62 10.18 -3.32
N SER C 151 11.80 9.59 -3.15
CA SER C 151 12.61 9.29 -4.31
C SER C 151 11.93 8.22 -5.16
N PHE C 152 11.00 7.49 -4.55
CA PHE C 152 10.28 6.45 -5.28
C PHE C 152 9.04 6.99 -5.96
N ASP C 153 8.70 8.24 -5.66
CA ASP C 153 7.52 8.86 -6.22
C ASP C 153 7.59 8.92 -7.75
N GLN C 154 6.50 8.50 -8.38
CA GLN C 154 6.38 8.51 -9.82
C GLN C 154 7.19 7.49 -10.61
N ARG C 155 7.74 6.49 -9.93
CA ARG C 155 8.47 5.44 -10.63
C ARG C 155 7.41 4.43 -11.06
N ASP C 156 7.81 3.40 -11.80
CA ASP C 156 6.85 2.41 -12.27
C ASP C 156 6.99 1.10 -11.49
N LEU C 157 5.94 0.72 -10.77
CA LEU C 157 5.98 -0.52 -9.98
C LEU C 157 6.14 -1.74 -10.87
N ALA C 158 5.90 -1.58 -12.16
CA ALA C 158 6.03 -2.70 -13.08
C ALA C 158 7.42 -2.78 -13.72
N GLN C 159 8.13 -1.66 -13.73
CA GLN C 159 9.47 -1.60 -14.31
C GLN C 159 10.44 -0.80 -13.47
N ASP C 160 10.87 -1.39 -12.36
CA ASP C 160 11.82 -0.71 -11.50
C ASP C 160 12.69 -1.77 -10.86
N GLU C 161 13.99 -1.53 -10.87
CA GLU C 161 14.94 -2.49 -10.32
C GLU C 161 14.92 -2.52 -8.79
N ALA C 162 14.39 -1.46 -8.19
CA ALA C 162 14.36 -1.33 -6.73
C ALA C 162 13.11 -1.88 -6.04
N VAL C 163 11.97 -1.83 -6.72
CA VAL C 163 10.72 -2.33 -6.16
C VAL C 163 9.83 -2.95 -7.21
N TRP C 164 9.17 -4.04 -6.83
CA TRP C 164 8.26 -4.73 -7.72
C TRP C 164 7.30 -5.54 -6.87
N LEU C 165 6.25 -6.07 -7.49
CA LEU C 165 5.27 -6.87 -6.78
C LEU C 165 5.30 -8.29 -7.29
N GLU C 166 5.16 -9.25 -6.39
CA GLU C 166 5.18 -10.66 -6.81
C GLU C 166 3.89 -11.38 -6.44
N ARG C 167 3.56 -12.41 -7.21
CA ARG C 167 2.38 -13.22 -6.94
C ARG C 167 2.60 -13.89 -5.61
N GLY C 168 1.58 -13.85 -4.77
CA GLY C 168 1.67 -14.49 -3.47
C GLY C 168 1.44 -15.97 -3.66
N PRO C 169 1.64 -16.82 -2.62
CA PRO C 169 1.40 -18.26 -2.76
C PRO C 169 -0.06 -18.62 -2.99
N LEU C 170 -0.32 -19.71 -3.71
CA LEU C 170 -1.70 -20.14 -4.02
C LEU C 170 -2.74 -20.06 -2.90
N GLU C 171 -2.58 -20.84 -1.82
CA GLU C 171 -3.56 -20.80 -0.73
C GLU C 171 -4.83 -21.61 -1.08
N PRO C 172 -5.03 -22.71 -0.35
CA PRO C 172 -6.10 -23.70 -0.41
C PRO C 172 -7.36 -23.32 0.30
N SER C 173 -7.71 -22.05 0.16
CA SER C 173 -8.90 -21.45 0.75
C SER C 173 -8.65 -19.96 0.54
N GLU C 174 -9.40 -19.33 -0.36
CA GLU C 174 -9.16 -17.90 -0.56
C GLU C 174 -9.32 -17.09 0.72
N PRO C 175 -8.38 -16.18 0.98
CA PRO C 175 -8.44 -15.35 2.18
C PRO C 175 -9.71 -14.50 2.26
N ALA C 176 -10.35 -14.49 3.43
CA ALA C 176 -11.56 -13.72 3.64
C ALA C 176 -11.17 -12.25 3.75
N VAL C 177 -11.81 -11.42 2.97
CA VAL C 177 -11.51 -10.00 2.97
C VAL C 177 -12.59 -9.16 3.66
N VAL C 178 -12.14 -8.25 4.51
CA VAL C 178 -13.06 -7.36 5.21
C VAL C 178 -13.05 -5.98 4.53
N ALA C 179 -14.22 -5.50 4.15
CA ALA C 179 -14.33 -4.18 3.53
C ALA C 179 -14.76 -3.24 4.65
N ALA C 180 -13.95 -2.22 4.95
CA ALA C 180 -14.28 -1.27 6.02
C ALA C 180 -14.05 0.18 5.62
N ALA C 181 -14.35 1.08 6.54
CA ALA C 181 -14.15 2.50 6.29
C ALA C 181 -12.65 2.77 6.38
N ARG C 182 -12.16 3.72 5.61
CA ARG C 182 -10.73 4.02 5.65
C ARG C 182 -10.35 4.71 6.94
N VAL C 183 -9.05 4.73 7.19
CA VAL C 183 -8.47 5.32 8.38
C VAL C 183 -8.11 6.79 8.14
N GLY C 184 -8.35 7.63 9.14
CA GLY C 184 -8.01 9.04 9.06
C GLY C 184 -8.55 9.85 7.90
N VAL C 185 -9.82 9.66 7.53
CA VAL C 185 -10.40 10.43 6.44
C VAL C 185 -11.66 11.18 6.85
N GLY C 186 -11.73 11.58 8.11
CA GLY C 186 -12.92 12.27 8.61
C GLY C 186 -13.30 13.50 7.82
N HIS C 187 -12.30 14.15 7.27
CA HIS C 187 -12.50 15.37 6.49
C HIS C 187 -13.25 15.13 5.18
N ALA C 188 -13.60 13.88 4.90
CA ALA C 188 -14.27 13.55 3.64
C ALA C 188 -15.79 13.44 3.62
N GLY C 189 -16.46 14.03 4.60
CA GLY C 189 -17.91 13.98 4.64
C GLY C 189 -18.50 12.60 4.35
N GLU C 190 -19.33 12.52 3.33
CA GLU C 190 -19.97 11.27 2.93
C GLU C 190 -18.97 10.15 2.61
N TRP C 191 -17.89 10.51 1.92
CA TRP C 191 -16.88 9.54 1.53
C TRP C 191 -16.06 9.02 2.70
N ALA C 192 -16.20 9.65 3.85
CA ALA C 192 -15.45 9.23 5.02
C ALA C 192 -15.81 7.83 5.49
N ARG C 193 -17.02 7.38 5.18
CA ARG C 193 -17.45 6.07 5.62
C ARG C 193 -17.59 5.03 4.53
N LYS C 194 -17.30 5.39 3.29
CA LYS C 194 -17.39 4.42 2.20
C LYS C 194 -16.46 3.26 2.57
N PRO C 195 -16.94 2.02 2.42
CA PRO C 195 -16.11 0.85 2.74
C PRO C 195 -15.06 0.64 1.66
N LEU C 196 -14.10 1.55 1.58
CA LEU C 196 -13.05 1.50 0.57
C LEU C 196 -11.71 1.05 1.14
N ARG C 197 -11.78 0.36 2.28
CA ARG C 197 -10.59 -0.13 2.93
C ARG C 197 -10.70 -1.64 2.96
N PHE C 198 -9.62 -2.31 2.59
CA PHE C 198 -9.65 -3.77 2.55
C PHE C 198 -8.48 -4.43 3.22
N TYR C 199 -8.76 -5.49 3.96
CA TYR C 199 -7.69 -6.22 4.62
C TYR C 199 -8.03 -7.68 4.81
N VAL C 200 -7.00 -8.46 5.13
CA VAL C 200 -7.17 -9.88 5.34
C VAL C 200 -7.80 -10.10 6.70
N ARG C 201 -8.94 -10.80 6.71
CA ARG C 201 -9.66 -11.08 7.95
C ARG C 201 -8.83 -11.90 8.92
N GLY C 202 -8.82 -11.48 10.16
CA GLY C 202 -8.07 -12.19 11.19
C GLY C 202 -6.58 -11.93 11.21
N SER C 203 -6.06 -11.30 10.16
CA SER C 203 -4.62 -11.03 10.12
C SER C 203 -4.15 -10.19 11.30
N PRO C 204 -3.06 -10.62 11.94
CA PRO C 204 -2.53 -9.87 13.08
C PRO C 204 -1.58 -8.78 12.62
N TRP C 205 -1.47 -8.57 11.31
CA TRP C 205 -0.57 -7.55 10.78
C TRP C 205 -1.30 -6.28 10.33
N VAL C 206 -2.62 -6.34 10.25
CA VAL C 206 -3.42 -5.17 9.85
C VAL C 206 -3.16 -4.08 10.89
N SER C 207 -3.17 -2.81 10.47
CA SER C 207 -2.90 -1.75 11.44
C SER C 207 -4.09 -1.44 12.32
N VAL C 208 -5.28 -1.39 11.72
CA VAL C 208 -6.50 -1.07 12.44
C VAL C 208 -7.63 -2.06 12.13
N VAL C 209 -8.19 -2.68 13.16
CA VAL C 209 -9.30 -3.59 12.93
C VAL C 209 -10.61 -2.83 13.00
N ASP C 210 -11.65 -3.40 12.40
CA ASP C 210 -12.96 -2.77 12.44
C ASP C 210 -13.96 -3.83 12.88
N ARG C 211 -13.99 -4.11 14.18
CA ARG C 211 -14.89 -5.13 14.73
C ARG C 211 -16.26 -5.04 14.10
N VAL C 212 -16.77 -3.83 13.99
CA VAL C 212 -18.09 -3.66 13.39
C VAL C 212 -18.07 -4.20 11.98
N ALA C 213 -17.15 -3.69 11.15
CA ALA C 213 -17.06 -4.15 9.77
C ALA C 213 -16.95 -5.66 9.68
N GLU C 214 -16.25 -6.25 10.65
CA GLU C 214 -16.09 -7.69 10.67
C GLU C 214 -17.40 -8.44 10.84
N GLN C 215 -18.31 -7.88 11.63
CA GLN C 215 -19.61 -8.50 11.85
C GLN C 215 -20.66 -7.89 10.93
N ASP C 216 -20.37 -7.89 9.63
CA ASP C 216 -21.30 -7.33 8.63
C ASP C 216 -21.58 -8.31 7.49
#